data_1A1O
#
_entry.id   1A1O
#
_cell.length_a   51.300
_cell.length_b   83.300
_cell.length_c   112.400
_cell.angle_alpha   90.00
_cell.angle_beta   90.00
_cell.angle_gamma   90.00
#
_symmetry.space_group_name_H-M   'P 21 21 21'
#
loop_
_entity.id
_entity.type
_entity.pdbx_description
1 polymer 'HLA class I histocompatibility antigen, BW-53 B*5301 alpha chain'
2 polymer Beta-2-microglobulin
3 polymer 'PEPTIDE LS6 (KPIVQYDNF)'
4 water water
#
loop_
_entity_poly.entity_id
_entity_poly.type
_entity_poly.pdbx_seq_one_letter_code
_entity_poly.pdbx_strand_id
1 'polypeptide(L)'
;GSHSMRYFYTAMSRPGRGEPRFIAVGYVDDTQFVRFDSDAASPRTEPRPPWIEQEGPEYWDRNTQIFKTNTQTYRENLRI
ALRYYNQSEAGSHIIQRMYGCDLGPDGRLLRGHDQSAYDGKDYIALNEDLSSWTAADTAAQITQRKWEAARVAEQLRAYL
EGLCVEWLRRYLENGKETLQRADPPKTHVTHHPVSDHEATLRCWALGFYPAEITLTWQRDGEDQTQDTELVETRPAGDRT
FQKWAAVVVPSGEEQRYTCHVQHEGLPKPLTLRWEP
;
A
2 'polypeptide(L)'
;IQRTPKIQVYSRHPAENGKSNFLNCYVSGFHPSDIEVDLLKNGERIEKVEHSDLSFSKDWSFYLLYYTEFTPTEKDEYAC
RVNHVTLSQPKIVKWDRDM
;
B
3 'polypeptide(L)' KPIVQYDNF C
#
# COMPACT_ATOMS: atom_id res chain seq x y z
N GLY A 1 12.63 -5.06 -9.91
CA GLY A 1 14.09 -4.74 -9.88
C GLY A 1 14.49 -4.06 -8.58
N SER A 2 15.80 -3.96 -8.35
CA SER A 2 16.38 -3.33 -7.17
C SER A 2 15.62 -2.09 -6.61
N HIS A 3 15.24 -1.13 -7.46
CA HIS A 3 14.51 0.08 -7.03
C HIS A 3 13.42 0.48 -8.04
N SER A 4 12.38 1.17 -7.59
CA SER A 4 11.33 1.61 -8.48
C SER A 4 10.66 2.90 -8.03
N MET A 5 10.08 3.61 -8.99
CA MET A 5 9.33 4.84 -8.73
C MET A 5 7.92 4.59 -9.25
N ARG A 6 6.92 4.94 -8.44
CA ARG A 6 5.55 4.71 -8.84
C ARG A 6 4.64 5.87 -8.46
N TYR A 7 3.77 6.30 -9.36
CA TYR A 7 2.76 7.33 -9.00
C TYR A 7 1.41 6.62 -9.07
N PHE A 8 0.55 6.85 -8.06
CA PHE A 8 -0.79 6.28 -7.99
C PHE A 8 -1.84 7.39 -8.04
N TYR A 9 -2.70 7.38 -9.06
CA TYR A 9 -3.76 8.38 -9.23
C TYR A 9 -5.10 7.73 -8.95
N THR A 10 -5.95 8.40 -8.18
CA THR A 10 -7.30 7.93 -7.89
C THR A 10 -8.24 9.13 -8.07
N ALA A 11 -9.25 8.98 -8.92
CA ALA A 11 -10.26 10.02 -9.19
C ALA A 11 -11.62 9.39 -8.82
N MET A 12 -12.40 10.04 -7.94
CA MET A 12 -13.70 9.50 -7.54
C MET A 12 -14.87 10.50 -7.71
N SER A 13 -15.91 10.08 -8.42
CA SER A 13 -17.07 10.95 -8.58
C SER A 13 -17.95 10.75 -7.35
N ARG A 14 -18.76 11.76 -7.03
CA ARG A 14 -19.65 11.71 -5.86
C ARG A 14 -20.80 12.65 -6.21
N PRO A 15 -21.75 12.19 -7.01
CA PRO A 15 -22.88 13.04 -7.42
C PRO A 15 -23.64 13.62 -6.21
N GLY A 16 -23.94 14.92 -6.30
CA GLY A 16 -24.66 15.60 -5.24
C GLY A 16 -23.74 16.15 -4.17
N ARG A 17 -22.46 15.81 -4.25
CA ARG A 17 -21.47 16.28 -3.28
C ARG A 17 -20.23 16.94 -3.89
N GLY A 18 -20.44 17.72 -4.93
CA GLY A 18 -19.33 18.42 -5.55
C GLY A 18 -18.69 17.67 -6.71
N GLU A 19 -17.63 18.27 -7.21
CA GLU A 19 -16.91 17.71 -8.32
C GLU A 19 -16.09 16.51 -7.89
N PRO A 20 -15.72 15.64 -8.86
CA PRO A 20 -14.92 14.46 -8.53
C PRO A 20 -13.60 14.80 -7.83
N ARG A 21 -13.31 14.04 -6.79
CA ARG A 21 -12.09 14.18 -6.04
C ARG A 21 -10.90 13.52 -6.79
N PHE A 22 -9.71 14.14 -6.74
CA PHE A 22 -8.51 13.59 -7.39
C PHE A 22 -7.40 13.56 -6.37
N ILE A 23 -6.83 12.37 -6.14
CA ILE A 23 -5.72 12.19 -5.20
C ILE A 23 -4.54 11.59 -5.99
N ALA A 24 -3.35 12.08 -5.75
CA ALA A 24 -2.17 11.51 -6.37
C ALA A 24 -1.12 11.27 -5.26
N VAL A 25 -0.45 10.11 -5.26
CA VAL A 25 0.63 9.82 -4.30
C VAL A 25 1.83 9.24 -5.06
N GLY A 26 3.03 9.54 -4.60
CA GLY A 26 4.22 9.03 -5.25
C GLY A 26 5.05 8.22 -4.26
N TYR A 27 5.66 7.13 -4.74
CA TYR A 27 6.53 6.26 -3.95
C TYR A 27 7.85 5.97 -4.66
N VAL A 28 8.86 5.71 -3.86
CA VAL A 28 10.16 5.26 -4.32
C VAL A 28 10.19 3.99 -3.45
N ASP A 29 10.10 2.82 -4.08
CA ASP A 29 10.07 1.55 -3.36
C ASP A 29 8.89 1.58 -2.41
N ASP A 30 9.11 1.36 -1.11
CA ASP A 30 8.02 1.35 -0.14
C ASP A 30 7.93 2.63 0.66
N THR A 31 8.46 3.73 0.12
CA THR A 31 8.47 5.01 0.80
C THR A 31 7.67 6.08 0.04
N GLN A 32 6.60 6.58 0.63
CA GLN A 32 5.79 7.64 0.00
C GLN A 32 6.56 8.96 0.09
N PHE A 33 6.60 9.75 -0.98
CA PHE A 33 7.34 10.99 -0.90
C PHE A 33 6.57 12.26 -1.27
N VAL A 34 5.42 12.11 -1.92
CA VAL A 34 4.58 13.27 -2.27
C VAL A 34 3.10 12.93 -2.16
N ARG A 35 2.28 13.97 -2.08
CA ARG A 35 0.85 13.80 -1.97
C ARG A 35 0.16 15.01 -2.55
N PHE A 36 -1.01 14.77 -3.14
CA PHE A 36 -1.81 15.84 -3.69
C PHE A 36 -3.26 15.41 -3.53
N ASP A 37 -4.11 16.32 -3.09
CA ASP A 37 -5.52 16.02 -2.86
C ASP A 37 -6.30 17.27 -3.23
N SER A 38 -7.13 17.17 -4.27
CA SER A 38 -7.93 18.31 -4.72
C SER A 38 -8.94 18.80 -3.69
N ASP A 39 -9.16 18.04 -2.62
CA ASP A 39 -10.09 18.40 -1.56
C ASP A 39 -9.46 19.19 -0.44
N ALA A 40 -8.15 19.34 -0.50
CA ALA A 40 -7.43 20.09 0.52
C ALA A 40 -7.75 21.57 0.32
N ALA A 41 -7.99 22.28 1.42
CA ALA A 41 -8.27 23.73 1.36
C ALA A 41 -6.95 24.29 0.83
N SER A 42 -6.98 24.91 -0.35
CA SER A 42 -5.76 25.40 -1.01
C SER A 42 -4.90 24.16 -1.35
N PRO A 43 -5.23 23.46 -2.47
CA PRO A 43 -4.50 22.25 -2.89
C PRO A 43 -3.13 22.53 -3.45
N ARG A 44 -2.14 21.92 -2.81
CA ARG A 44 -0.73 22.06 -3.21
C ARG A 44 -0.19 20.65 -3.08
N THR A 45 0.89 20.37 -3.79
CA THR A 45 1.50 19.06 -3.62
C THR A 45 2.45 19.19 -2.42
N GLU A 46 2.32 18.25 -1.47
CA GLU A 46 3.12 18.26 -0.25
C GLU A 46 4.18 17.18 -0.14
N PRO A 47 5.27 17.48 0.61
CA PRO A 47 6.36 16.51 0.80
C PRO A 47 5.95 15.56 1.90
N ARG A 48 6.32 14.30 1.75
CA ARG A 48 6.03 13.25 2.74
C ARG A 48 7.22 12.50 3.39
N PRO A 49 8.46 12.80 2.98
CA PRO A 49 9.75 12.27 3.47
C PRO A 49 10.74 13.45 3.39
N PRO A 50 11.66 13.52 4.36
CA PRO A 50 12.65 14.59 4.43
C PRO A 50 13.49 14.89 3.20
N TRP A 51 13.97 13.86 2.52
CA TRP A 51 14.84 14.05 1.36
C TRP A 51 14.25 14.76 0.13
N ILE A 52 12.92 14.90 0.06
CA ILE A 52 12.30 15.60 -1.08
C ILE A 52 12.16 17.10 -0.78
N GLU A 53 12.20 17.46 0.50
CA GLU A 53 12.07 18.85 0.90
C GLU A 53 13.20 19.75 0.40
N GLN A 54 14.34 19.16 0.07
CA GLN A 54 15.44 19.96 -0.42
C GLN A 54 15.16 20.49 -1.83
N GLU A 55 14.09 20.00 -2.46
CA GLU A 55 13.74 20.46 -3.80
C GLU A 55 13.23 21.89 -3.71
N GLY A 56 13.62 22.71 -4.69
CA GLY A 56 13.23 24.10 -4.71
C GLY A 56 11.78 24.45 -4.99
N PRO A 57 11.43 25.73 -4.82
CA PRO A 57 10.08 26.24 -5.05
C PRO A 57 9.51 25.86 -6.43
N GLU A 58 10.32 25.90 -7.48
CA GLU A 58 9.83 25.55 -8.82
C GLU A 58 9.45 24.07 -9.00
N TYR A 59 10.05 23.17 -8.21
CA TYR A 59 9.68 21.77 -8.29
C TYR A 59 8.24 21.64 -7.75
N TRP A 60 7.97 22.31 -6.64
CA TRP A 60 6.64 22.26 -6.04
C TRP A 60 5.56 22.90 -6.91
N ASP A 61 5.89 24.02 -7.56
CA ASP A 61 4.93 24.67 -8.44
C ASP A 61 4.66 23.80 -9.65
N ARG A 62 5.71 23.26 -10.26
CA ARG A 62 5.55 22.41 -11.43
C ARG A 62 4.73 21.15 -11.09
N ASN A 63 4.96 20.59 -9.92
CA ASN A 63 4.21 19.42 -9.52
C ASN A 63 2.75 19.79 -9.38
N THR A 64 2.48 20.90 -8.68
CA THR A 64 1.11 21.34 -8.46
C THR A 64 0.32 21.59 -9.76
N GLN A 65 0.94 22.19 -10.78
CA GLN A 65 0.19 22.45 -12.02
C GLN A 65 -0.13 21.15 -12.73
N ILE A 66 0.77 20.17 -12.63
CA ILE A 66 0.56 18.87 -13.26
C ILE A 66 -0.65 18.15 -12.61
N PHE A 67 -0.69 18.14 -11.28
CA PHE A 67 -1.78 17.50 -10.56
C PHE A 67 -3.10 18.28 -10.70
N LYS A 68 -3.04 19.61 -10.82
CA LYS A 68 -4.25 20.43 -11.02
C LYS A 68 -4.80 20.13 -12.42
N THR A 69 -3.90 20.04 -13.42
CA THR A 69 -4.33 19.70 -14.77
C THR A 69 -4.95 18.27 -14.77
N ASN A 70 -4.32 17.34 -14.03
CA ASN A 70 -4.82 15.98 -13.95
C ASN A 70 -6.21 15.91 -13.36
N THR A 71 -6.49 16.78 -12.40
CA THR A 71 -7.81 16.82 -11.77
C THR A 71 -8.86 17.07 -12.83
N GLN A 72 -8.61 18.07 -13.66
CA GLN A 72 -9.50 18.38 -14.77
C GLN A 72 -9.64 17.20 -15.74
N THR A 73 -8.51 16.67 -16.17
CA THR A 73 -8.50 15.55 -17.10
C THR A 73 -9.31 14.35 -16.62
N TYR A 74 -9.11 13.97 -15.36
CA TYR A 74 -9.81 12.80 -14.84
C TYR A 74 -11.29 13.02 -14.61
N ARG A 75 -11.68 14.29 -14.50
CA ARG A 75 -13.08 14.63 -14.35
C ARG A 75 -13.77 14.42 -15.69
N GLU A 76 -13.03 14.73 -16.77
CA GLU A 76 -13.52 14.52 -18.13
C GLU A 76 -13.61 13.01 -18.35
N ASN A 77 -12.56 12.28 -17.96
CA ASN A 77 -12.53 10.82 -18.14
C ASN A 77 -13.66 10.09 -17.45
N LEU A 78 -14.07 10.53 -16.27
CA LEU A 78 -15.16 9.88 -15.56
C LEU A 78 -16.46 10.06 -16.35
N ARG A 79 -16.61 11.21 -16.99
CA ARG A 79 -17.80 11.51 -17.78
C ARG A 79 -17.82 10.66 -19.05
N ILE A 80 -16.66 10.52 -19.68
CA ILE A 80 -16.51 9.73 -20.89
C ILE A 80 -16.81 8.25 -20.56
N ALA A 81 -16.27 7.75 -19.45
CA ALA A 81 -16.48 6.37 -19.04
C ALA A 81 -17.96 6.00 -18.86
N LEU A 82 -18.77 6.96 -18.45
CA LEU A 82 -20.20 6.73 -18.27
C LEU A 82 -20.86 6.40 -19.62
N ARG A 83 -20.51 7.14 -20.66
CA ARG A 83 -21.04 6.91 -21.98
C ARG A 83 -20.61 5.54 -22.49
N TYR A 84 -19.32 5.20 -22.30
CA TYR A 84 -18.78 3.92 -22.78
C TYR A 84 -19.45 2.74 -22.14
N TYR A 85 -19.94 2.93 -20.92
CA TYR A 85 -20.60 1.81 -20.26
C TYR A 85 -22.11 1.96 -20.09
N ASN A 86 -22.69 3.00 -20.72
CA ASN A 86 -24.14 3.30 -20.66
C ASN A 86 -24.59 3.41 -19.23
N GLN A 87 -23.87 4.19 -18.44
CA GLN A 87 -24.21 4.35 -17.04
C GLN A 87 -24.85 5.72 -16.76
N SER A 88 -25.65 5.82 -15.70
CA SER A 88 -26.29 7.10 -15.36
C SER A 88 -25.38 7.95 -14.51
N GLU A 89 -25.66 9.25 -14.53
CA GLU A 89 -24.89 10.23 -13.78
C GLU A 89 -25.23 10.22 -12.30
N ALA A 90 -25.98 9.22 -11.86
CA ALA A 90 -26.39 9.13 -10.46
C ALA A 90 -25.50 8.26 -9.59
N GLY A 91 -24.61 7.49 -10.22
CA GLY A 91 -23.75 6.63 -9.44
C GLY A 91 -22.37 7.21 -9.21
N SER A 92 -21.67 6.61 -8.25
CA SER A 92 -20.31 6.99 -7.91
C SER A 92 -19.35 5.98 -8.56
N HIS A 93 -18.33 6.50 -9.25
CA HIS A 93 -17.37 5.68 -9.96
C HIS A 93 -15.93 6.12 -9.66
N ILE A 94 -14.99 5.22 -9.91
CA ILE A 94 -13.57 5.45 -9.64
C ILE A 94 -12.67 5.04 -10.82
N ILE A 95 -11.67 5.86 -11.13
CA ILE A 95 -10.69 5.55 -12.14
C ILE A 95 -9.35 5.58 -11.38
N GLN A 96 -8.54 4.54 -11.52
CA GLN A 96 -7.25 4.50 -10.89
C GLN A 96 -6.19 4.31 -11.95
N ARG A 97 -5.02 4.91 -11.75
CA ARG A 97 -3.92 4.76 -12.66
C ARG A 97 -2.67 4.51 -11.82
N MET A 98 -1.75 3.71 -12.35
CA MET A 98 -0.53 3.35 -11.66
C MET A 98 0.53 3.25 -12.76
N TYR A 99 1.56 4.10 -12.68
CA TYR A 99 2.62 4.10 -13.67
C TYR A 99 3.99 4.38 -13.02
N GLY A 100 5.06 4.00 -13.71
CA GLY A 100 6.38 4.22 -13.16
C GLY A 100 7.44 3.33 -13.78
N CYS A 101 8.66 3.43 -13.26
CA CYS A 101 9.78 2.69 -13.79
C CYS A 101 10.52 1.90 -12.72
N ASP A 102 11.09 0.78 -13.17
CA ASP A 102 11.88 -0.11 -12.35
C ASP A 102 13.31 0.05 -12.85
N LEU A 103 14.24 0.21 -11.91
CA LEU A 103 15.66 0.34 -12.19
C LEU A 103 16.31 -0.96 -11.84
N GLY A 104 17.07 -1.52 -12.78
CA GLY A 104 17.77 -2.76 -12.50
C GLY A 104 19.07 -2.45 -11.78
N PRO A 105 19.81 -3.48 -11.30
CA PRO A 105 21.09 -3.33 -10.59
C PRO A 105 22.12 -2.37 -11.21
N ASP A 106 22.15 -2.30 -12.53
CA ASP A 106 23.10 -1.43 -13.23
C ASP A 106 22.68 0.05 -13.36
N GLY A 107 21.50 0.40 -12.87
CA GLY A 107 21.05 1.79 -12.95
C GLY A 107 20.33 2.24 -14.21
N ARG A 108 19.91 1.28 -15.04
CA ARG A 108 19.19 1.56 -16.26
C ARG A 108 17.79 0.94 -16.17
N LEU A 109 16.89 1.42 -17.03
CA LEU A 109 15.52 0.95 -17.07
C LEU A 109 15.42 -0.56 -17.18
N LEU A 110 14.80 -1.21 -16.18
CA LEU A 110 14.61 -2.66 -16.21
C LEU A 110 13.28 -2.90 -16.94
N ARG A 111 12.26 -2.11 -16.59
CA ARG A 111 10.96 -2.18 -17.23
C ARG A 111 10.04 -1.03 -16.81
N GLY A 112 9.16 -0.64 -17.72
CA GLY A 112 8.24 0.45 -17.49
C GLY A 112 6.82 -0.05 -17.26
N HIS A 113 5.97 0.82 -16.71
CA HIS A 113 4.59 0.46 -16.40
C HIS A 113 3.64 1.60 -16.55
N ASP A 114 2.44 1.27 -16.92
CA ASP A 114 1.37 2.25 -17.04
C ASP A 114 0.06 1.51 -17.28
N GLN A 115 -0.77 1.45 -16.23
CA GLN A 115 -2.05 0.75 -16.20
C GLN A 115 -3.19 1.60 -15.64
N SER A 116 -4.41 1.39 -16.15
CA SER A 116 -5.56 2.12 -15.69
C SER A 116 -6.69 1.16 -15.39
N ALA A 117 -7.55 1.54 -14.46
CA ALA A 117 -8.65 0.69 -14.09
C ALA A 117 -9.91 1.52 -13.93
N TYR A 118 -11.06 0.90 -14.10
CA TYR A 118 -12.32 1.57 -13.94
C TYR A 118 -13.13 0.69 -13.00
N ASP A 119 -13.60 1.29 -11.92
CA ASP A 119 -14.38 0.61 -10.90
C ASP A 119 -13.75 -0.68 -10.39
N GLY A 120 -12.42 -0.63 -10.25
CA GLY A 120 -11.67 -1.77 -9.74
C GLY A 120 -11.32 -2.84 -10.74
N LYS A 121 -11.63 -2.61 -12.01
CA LYS A 121 -11.34 -3.60 -13.04
C LYS A 121 -10.35 -3.04 -14.01
N ASP A 122 -9.48 -3.92 -14.53
CA ASP A 122 -8.50 -3.49 -15.51
C ASP A 122 -9.25 -2.83 -16.66
N TYR A 123 -8.66 -1.79 -17.22
CA TYR A 123 -9.27 -1.08 -18.31
C TYR A 123 -8.32 -1.15 -19.52
N ILE A 124 -7.16 -0.53 -19.37
CA ILE A 124 -6.15 -0.51 -20.41
C ILE A 124 -4.74 -0.51 -19.73
N ALA A 125 -3.78 -1.17 -20.38
CA ALA A 125 -2.42 -1.26 -19.87
C ALA A 125 -1.39 -1.14 -21.00
N LEU A 126 -0.27 -0.48 -20.72
CA LEU A 126 0.80 -0.34 -21.68
C LEU A 126 1.60 -1.66 -21.65
N ASN A 127 1.91 -2.24 -22.81
CA ASN A 127 2.67 -3.50 -22.80
C ASN A 127 4.14 -3.27 -22.46
N GLU A 128 4.82 -4.34 -22.07
CA GLU A 128 6.23 -4.22 -21.72
C GLU A 128 7.11 -3.60 -22.83
N ASP A 129 6.68 -3.68 -24.08
CA ASP A 129 7.46 -3.11 -25.17
C ASP A 129 7.36 -1.60 -25.21
N LEU A 130 6.48 -1.06 -24.38
CA LEU A 130 6.27 0.38 -24.31
C LEU A 130 5.87 0.96 -25.66
N SER A 131 5.18 0.15 -26.46
CA SER A 131 4.73 0.57 -27.80
C SER A 131 3.31 0.20 -28.10
N SER A 132 2.80 -0.84 -27.45
CA SER A 132 1.43 -1.28 -27.69
C SER A 132 0.59 -1.40 -26.40
N TRP A 133 -0.71 -1.60 -26.58
CA TRP A 133 -1.64 -1.68 -25.46
C TRP A 133 -2.46 -2.95 -25.39
N THR A 134 -2.97 -3.22 -24.19
CA THR A 134 -3.88 -4.32 -23.97
C THR A 134 -5.13 -3.65 -23.36
N ALA A 135 -6.25 -3.75 -24.07
CA ALA A 135 -7.54 -3.18 -23.67
C ALA A 135 -8.34 -4.33 -23.10
N ALA A 136 -8.99 -4.13 -21.96
CA ALA A 136 -9.74 -5.22 -21.35
C ALA A 136 -11.11 -5.55 -21.93
N ASP A 137 -11.73 -4.58 -22.60
CA ASP A 137 -13.07 -4.80 -23.16
C ASP A 137 -13.28 -3.90 -24.39
N THR A 138 -14.50 -3.90 -24.93
CA THR A 138 -14.79 -3.10 -26.12
C THR A 138 -14.78 -1.60 -25.83
N ALA A 139 -14.96 -1.23 -24.57
CA ALA A 139 -14.93 0.20 -24.24
C ALA A 139 -13.47 0.69 -24.28
N ALA A 140 -12.59 -0.05 -23.62
CA ALA A 140 -11.18 0.30 -23.57
C ALA A 140 -10.61 0.28 -24.99
N GLN A 141 -11.18 -0.57 -25.85
CA GLN A 141 -10.71 -0.64 -27.24
C GLN A 141 -10.86 0.71 -27.93
N ILE A 142 -11.87 1.48 -27.52
CA ILE A 142 -12.05 2.80 -28.11
C ILE A 142 -10.94 3.69 -27.62
N THR A 143 -10.64 3.65 -26.32
CA THR A 143 -9.55 4.48 -25.79
C THR A 143 -8.25 4.06 -26.51
N GLN A 144 -8.06 2.76 -26.67
CA GLN A 144 -6.87 2.27 -27.35
C GLN A 144 -6.69 2.83 -28.75
N ARG A 145 -7.75 2.82 -29.57
CA ARG A 145 -7.58 3.35 -30.92
C ARG A 145 -7.32 4.83 -30.91
N LYS A 146 -7.84 5.52 -29.89
CA LYS A 146 -7.62 6.95 -29.74
C LYS A 146 -6.16 7.18 -29.37
N TRP A 147 -5.64 6.37 -28.45
CA TRP A 147 -4.24 6.51 -28.01
C TRP A 147 -3.21 6.10 -29.07
N GLU A 148 -3.59 5.18 -29.94
CA GLU A 148 -2.72 4.77 -31.03
C GLU A 148 -2.63 5.92 -32.02
N ALA A 149 -3.78 6.54 -32.30
CA ALA A 149 -3.89 7.67 -33.22
C ALA A 149 -3.15 8.95 -32.77
N ALA A 150 -3.12 9.19 -31.46
CA ALA A 150 -2.43 10.34 -30.88
C ALA A 150 -0.99 10.01 -30.51
N ARG A 151 -0.59 8.78 -30.79
CA ARG A 151 0.77 8.32 -30.50
C ARG A 151 1.15 8.55 -29.04
N VAL A 152 0.33 8.00 -28.14
CA VAL A 152 0.54 8.14 -26.69
C VAL A 152 1.66 7.27 -26.13
N ALA A 153 1.77 6.03 -26.60
CA ALA A 153 2.80 5.11 -26.11
C ALA A 153 4.21 5.68 -26.26
N GLU A 154 4.40 6.47 -27.32
CA GLU A 154 5.68 7.10 -27.64
C GLU A 154 6.07 8.12 -26.60
N GLN A 155 5.08 8.85 -26.10
CA GLN A 155 5.23 9.89 -25.07
C GLN A 155 5.60 9.19 -23.75
N LEU A 156 4.91 8.10 -23.47
CA LEU A 156 5.16 7.36 -22.26
C LEU A 156 6.52 6.74 -22.29
N ARG A 157 6.90 6.19 -23.45
CA ARG A 157 8.21 5.54 -23.60
C ARG A 157 9.34 6.54 -23.33
N ALA A 158 9.20 7.76 -23.87
CA ALA A 158 10.21 8.80 -23.69
C ALA A 158 10.36 9.12 -22.21
N TYR A 159 9.22 9.20 -21.52
CA TYR A 159 9.22 9.49 -20.10
C TYR A 159 9.85 8.39 -19.27
N LEU A 160 9.37 7.17 -19.48
CA LEU A 160 9.83 6.01 -18.74
C LEU A 160 11.31 5.71 -18.92
N GLU A 161 11.83 5.89 -20.14
CA GLU A 161 13.24 5.62 -20.39
C GLU A 161 14.12 6.80 -20.00
N GLY A 162 13.57 8.00 -20.01
CA GLY A 162 14.33 9.18 -19.65
C GLY A 162 14.08 9.78 -18.28
N LEU A 163 13.25 10.80 -18.23
CA LEU A 163 12.92 11.52 -16.99
C LEU A 163 12.65 10.67 -15.75
N CYS A 164 11.86 9.62 -15.91
CA CYS A 164 11.50 8.75 -14.81
C CYS A 164 12.76 8.14 -14.18
N VAL A 165 13.68 7.68 -15.03
CA VAL A 165 14.94 7.09 -14.59
C VAL A 165 15.90 8.14 -13.99
N GLU A 166 16.00 9.33 -14.59
CA GLU A 166 16.86 10.42 -14.10
C GLU A 166 16.41 10.88 -12.74
N TRP A 167 15.12 11.14 -12.61
CA TRP A 167 14.57 11.56 -11.33
C TRP A 167 14.64 10.46 -10.25
N LEU A 168 14.41 9.19 -10.60
CA LEU A 168 14.51 8.12 -9.61
C LEU A 168 15.93 8.06 -9.07
N ARG A 169 16.92 8.18 -9.96
CA ARG A 169 18.34 8.15 -9.60
C ARG A 169 18.70 9.31 -8.66
N ARG A 170 18.15 10.49 -8.97
CA ARG A 170 18.34 11.70 -8.18
C ARG A 170 17.72 11.53 -6.77
N TYR A 171 16.51 11.00 -6.69
CA TYR A 171 15.87 10.79 -5.39
C TYR A 171 16.66 9.79 -4.56
N LEU A 172 17.24 8.76 -5.20
CA LEU A 172 18.03 7.74 -4.52
C LEU A 172 19.32 8.31 -3.94
N GLU A 173 19.93 9.25 -4.65
CA GLU A 173 21.13 9.91 -4.17
C GLU A 173 20.70 10.74 -2.96
N ASN A 174 19.78 11.69 -3.18
CA ASN A 174 19.30 12.59 -2.13
C ASN A 174 18.78 11.89 -0.88
N GLY A 175 18.14 10.74 -1.02
CA GLY A 175 17.64 10.03 0.15
C GLY A 175 18.37 8.72 0.45
N LYS A 176 19.65 8.64 0.09
CA LYS A 176 20.43 7.41 0.31
C LYS A 176 20.48 6.85 1.71
N GLU A 177 20.52 7.71 2.72
CA GLU A 177 20.59 7.26 4.13
C GLU A 177 19.42 6.38 4.54
N THR A 178 18.29 6.52 3.85
CA THR A 178 17.11 5.70 4.13
C THR A 178 16.70 4.85 2.94
N LEU A 179 16.70 5.45 1.76
CA LEU A 179 16.28 4.70 0.57
C LEU A 179 17.17 3.54 0.23
N GLN A 180 18.48 3.68 0.48
CA GLN A 180 19.41 2.59 0.19
C GLN A 180 19.93 1.90 1.45
N ARG A 181 19.11 1.90 2.50
CA ARG A 181 19.46 1.27 3.74
C ARG A 181 18.38 0.28 4.08
N ALA A 182 18.76 -0.99 4.17
CA ALA A 182 17.82 -2.04 4.54
C ALA A 182 17.92 -2.23 6.06
N ASP A 183 16.78 -2.24 6.75
CA ASP A 183 16.73 -2.47 8.19
C ASP A 183 16.32 -3.95 8.35
N PRO A 184 17.20 -4.76 8.94
CA PRO A 184 16.87 -6.19 9.09
C PRO A 184 15.76 -6.39 10.11
N PRO A 185 15.06 -7.53 10.05
CA PRO A 185 13.98 -7.79 11.00
C PRO A 185 14.48 -8.25 12.34
N LYS A 186 13.81 -7.81 13.40
CA LYS A 186 14.10 -8.23 14.77
C LYS A 186 13.13 -9.41 14.97
N THR A 187 13.67 -10.61 15.07
CA THR A 187 12.84 -11.78 15.17
C THR A 187 12.80 -12.47 16.54
N HIS A 188 11.69 -13.14 16.83
CA HIS A 188 11.51 -13.90 18.07
C HIS A 188 10.32 -14.82 17.90
N VAL A 189 10.28 -15.91 18.66
CA VAL A 189 9.18 -16.87 18.58
C VAL A 189 8.38 -16.91 19.89
N THR A 190 7.06 -17.01 19.79
CA THR A 190 6.19 -17.09 20.96
C THR A 190 5.46 -18.45 21.00
N HIS A 191 4.99 -18.83 22.19
CA HIS A 191 4.31 -20.11 22.40
C HIS A 191 2.95 -19.81 23.04
N HIS A 192 1.88 -20.40 22.52
CA HIS A 192 0.57 -20.14 23.11
C HIS A 192 -0.20 -21.45 23.11
N PRO A 193 -0.37 -22.07 24.29
CA PRO A 193 -1.10 -23.34 24.32
C PRO A 193 -2.58 -23.16 23.90
N VAL A 194 -3.11 -24.08 23.11
CA VAL A 194 -4.51 -23.97 22.72
C VAL A 194 -5.35 -25.05 23.45
N SER A 195 -4.67 -26.05 23.96
CA SER A 195 -5.28 -27.15 24.70
C SER A 195 -4.13 -27.96 25.25
N ASP A 196 -4.42 -29.14 25.79
CA ASP A 196 -3.38 -29.99 26.35
C ASP A 196 -2.57 -30.65 25.23
N HIS A 197 -3.21 -30.83 24.09
CA HIS A 197 -2.57 -31.51 23.00
C HIS A 197 -1.99 -30.68 21.86
N GLU A 198 -2.10 -29.36 21.95
CA GLU A 198 -1.60 -28.53 20.88
C GLU A 198 -1.18 -27.16 21.40
N ALA A 199 -0.18 -26.58 20.73
CA ALA A 199 0.32 -25.26 21.06
C ALA A 199 0.59 -24.52 19.75
N THR A 200 0.38 -23.22 19.77
CA THR A 200 0.61 -22.37 18.63
C THR A 200 2.00 -21.75 18.75
N LEU A 201 2.78 -21.88 17.69
CA LEU A 201 4.12 -21.29 17.62
C LEU A 201 4.00 -20.10 16.66
N ARG A 202 4.45 -18.93 17.09
CA ARG A 202 4.35 -17.75 16.25
C ARG A 202 5.73 -17.16 15.98
N CYS A 203 6.09 -17.06 14.72
CA CYS A 203 7.36 -16.49 14.35
C CYS A 203 7.12 -15.04 13.93
N TRP A 204 7.71 -14.12 14.67
CA TRP A 204 7.60 -12.68 14.44
C TRP A 204 8.79 -12.05 13.73
N ALA A 205 8.50 -11.07 12.87
CA ALA A 205 9.53 -10.30 12.16
C ALA A 205 9.05 -8.84 12.23
N LEU A 206 9.77 -8.02 13.00
CA LEU A 206 9.43 -6.62 13.22
C LEU A 206 10.56 -5.70 12.80
N GLY A 207 10.21 -4.45 12.53
CA GLY A 207 11.20 -3.44 12.18
C GLY A 207 11.98 -3.49 10.88
N PHE A 208 11.48 -4.22 9.89
CA PHE A 208 12.23 -4.32 8.67
C PHE A 208 11.80 -3.36 7.56
N TYR A 209 12.76 -3.06 6.71
CA TYR A 209 12.57 -2.24 5.55
C TYR A 209 13.61 -2.77 4.58
N PRO A 210 13.22 -3.04 3.31
CA PRO A 210 11.89 -2.85 2.75
C PRO A 210 10.89 -3.93 3.14
N ALA A 211 9.67 -3.82 2.60
CA ALA A 211 8.59 -4.74 2.93
C ALA A 211 8.77 -6.19 2.55
N GLU A 212 9.46 -6.46 1.45
CA GLU A 212 9.73 -7.82 0.96
C GLU A 212 10.45 -8.73 2.00
N ILE A 213 9.80 -9.81 2.43
CA ILE A 213 10.40 -10.72 3.42
C ILE A 213 9.82 -12.10 3.19
N THR A 214 10.49 -13.14 3.68
CA THR A 214 9.98 -14.51 3.56
C THR A 214 10.07 -15.18 4.92
N LEU A 215 8.93 -15.68 5.40
CA LEU A 215 8.87 -16.39 6.69
C LEU A 215 8.31 -17.78 6.42
N THR A 216 9.08 -18.81 6.77
CA THR A 216 8.64 -20.20 6.56
C THR A 216 8.76 -21.01 7.84
N TRP A 217 7.83 -21.94 8.05
CA TRP A 217 7.93 -22.81 9.21
C TRP A 217 8.31 -24.16 8.63
N GLN A 218 9.19 -24.87 9.30
CA GLN A 218 9.61 -26.17 8.83
C GLN A 218 9.51 -27.26 9.90
N ARG A 219 9.01 -28.41 9.50
CA ARG A 219 8.92 -29.55 10.42
C ARG A 219 9.89 -30.58 9.87
N ASP A 220 11.00 -30.78 10.61
CA ASP A 220 12.05 -31.73 10.23
C ASP A 220 12.53 -31.33 8.84
N GLY A 221 12.70 -30.02 8.64
CA GLY A 221 13.15 -29.52 7.35
C GLY A 221 12.15 -29.50 6.20
N GLU A 222 10.88 -29.81 6.47
CA GLU A 222 9.86 -29.80 5.41
C GLU A 222 8.95 -28.58 5.55
N ASP A 223 8.83 -27.81 4.46
CA ASP A 223 8.02 -26.58 4.44
C ASP A 223 6.53 -26.84 4.74
N GLN A 224 6.06 -26.29 5.87
CA GLN A 224 4.67 -26.46 6.29
C GLN A 224 3.71 -25.43 5.69
N THR A 225 3.87 -25.18 4.41
CA THR A 225 3.03 -24.21 3.69
C THR A 225 1.52 -24.40 3.87
N GLN A 226 1.07 -25.64 3.97
CA GLN A 226 -0.35 -25.94 4.12
C GLN A 226 -0.93 -25.60 5.50
N ASP A 227 -0.11 -25.71 6.54
CA ASP A 227 -0.56 -25.47 7.91
C ASP A 227 -0.08 -24.18 8.54
N THR A 228 0.59 -23.33 7.76
CA THR A 228 1.08 -22.07 8.29
C THR A 228 0.06 -20.97 8.07
N GLU A 229 -0.20 -20.18 9.10
CA GLU A 229 -1.10 -19.07 8.95
C GLU A 229 -0.18 -17.86 8.85
N LEU A 230 -0.35 -17.06 7.82
CA LEU A 230 0.49 -15.89 7.67
C LEU A 230 -0.40 -14.67 7.65
N VAL A 231 0.10 -13.56 8.19
CA VAL A 231 -0.68 -12.34 8.11
C VAL A 231 -0.03 -11.53 6.98
N GLU A 232 -0.81 -10.68 6.36
CA GLU A 232 -0.33 -9.81 5.30
C GLU A 232 0.67 -8.85 5.93
N THR A 233 1.79 -8.59 5.27
CA THR A 233 2.81 -7.68 5.77
C THR A 233 2.08 -6.35 6.04
N ARG A 234 2.37 -5.76 7.20
CA ARG A 234 1.70 -4.53 7.68
C ARG A 234 2.65 -3.42 8.12
N PRO A 235 2.29 -2.16 7.89
CA PRO A 235 3.21 -1.10 8.30
C PRO A 235 3.17 -0.83 9.81
N ALA A 236 4.34 -0.47 10.38
CA ALA A 236 4.47 -0.17 11.81
C ALA A 236 4.10 1.29 12.10
N GLY A 237 4.28 2.15 11.10
CA GLY A 237 3.96 3.55 11.24
C GLY A 237 5.21 4.41 11.24
N ASP A 238 6.37 3.79 11.42
CA ASP A 238 7.64 4.54 11.46
C ASP A 238 8.54 4.27 10.25
N ARG A 239 7.93 3.81 9.17
CA ARG A 239 8.58 3.47 7.91
C ARG A 239 8.80 1.97 7.80
N THR A 240 8.90 1.27 8.92
CA THR A 240 9.16 -0.16 8.91
C THR A 240 7.89 -1.01 8.80
N PHE A 241 8.07 -2.33 8.70
CA PHE A 241 6.99 -3.27 8.53
C PHE A 241 7.09 -4.40 9.51
N GLN A 242 6.02 -5.19 9.61
CA GLN A 242 5.92 -6.33 10.52
C GLN A 242 5.22 -7.46 9.80
N LYS A 243 5.40 -8.68 10.33
CA LYS A 243 4.79 -9.88 9.76
C LYS A 243 5.05 -11.04 10.71
N TRP A 244 4.13 -12.00 10.76
CA TRP A 244 4.32 -13.19 11.57
C TRP A 244 3.70 -14.37 10.86
N ALA A 245 4.23 -15.56 11.16
CA ALA A 245 3.76 -16.83 10.59
C ALA A 245 3.55 -17.71 11.80
N ALA A 246 2.44 -18.44 11.83
CA ALA A 246 2.15 -19.30 12.96
C ALA A 246 1.81 -20.70 12.51
N VAL A 247 2.03 -21.65 13.41
CA VAL A 247 1.75 -23.04 13.14
C VAL A 247 1.28 -23.70 14.46
N VAL A 248 0.26 -24.55 14.38
CA VAL A 248 -0.23 -25.27 15.56
C VAL A 248 0.47 -26.61 15.54
N VAL A 249 1.17 -26.90 16.62
CA VAL A 249 1.95 -28.12 16.72
C VAL A 249 1.55 -28.94 17.95
N PRO A 250 1.88 -30.26 17.94
CA PRO A 250 1.57 -31.15 19.06
C PRO A 250 2.44 -30.78 20.26
N SER A 251 1.85 -30.78 21.46
CA SER A 251 2.58 -30.42 22.67
C SER A 251 3.80 -31.29 22.84
N GLY A 252 4.93 -30.64 23.14
CA GLY A 252 6.17 -31.36 23.32
C GLY A 252 7.04 -31.54 22.08
N GLU A 253 6.48 -31.31 20.89
CA GLU A 253 7.24 -31.45 19.65
C GLU A 253 7.70 -30.11 19.05
N GLU A 254 7.67 -29.06 19.87
CA GLU A 254 8.06 -27.73 19.40
C GLU A 254 9.46 -27.71 18.79
N GLN A 255 10.41 -28.42 19.39
CA GLN A 255 11.80 -28.43 18.87
C GLN A 255 12.02 -29.03 17.47
N ARG A 256 11.01 -29.69 16.90
CA ARG A 256 11.11 -30.27 15.55
C ARG A 256 10.72 -29.26 14.46
N TYR A 257 10.32 -28.06 14.90
CA TYR A 257 9.87 -27.00 14.02
C TYR A 257 10.82 -25.81 14.00
N THR A 258 11.15 -25.33 12.81
CA THR A 258 12.03 -24.17 12.69
C THR A 258 11.42 -23.09 11.83
N CYS A 259 11.70 -21.86 12.20
CA CYS A 259 11.22 -20.73 11.45
C CYS A 259 12.41 -20.21 10.65
N HIS A 260 12.16 -19.99 9.36
CA HIS A 260 13.18 -19.50 8.46
C HIS A 260 12.79 -18.10 7.99
N VAL A 261 13.69 -17.15 8.22
CA VAL A 261 13.49 -15.75 7.86
C VAL A 261 14.48 -15.30 6.78
N GLN A 262 13.98 -14.75 5.67
CA GLN A 262 14.84 -14.24 4.59
C GLN A 262 14.51 -12.77 4.36
N HIS A 263 15.55 -11.93 4.36
CA HIS A 263 15.40 -10.49 4.14
C HIS A 263 16.74 -9.92 3.68
N GLU A 264 16.72 -9.00 2.71
CA GLU A 264 17.98 -8.44 2.22
C GLU A 264 18.82 -7.66 3.25
N GLY A 265 18.26 -7.39 4.42
CA GLY A 265 19.01 -6.70 5.44
C GLY A 265 19.78 -7.69 6.30
N LEU A 266 19.62 -8.98 6.02
CA LEU A 266 20.31 -10.02 6.78
C LEU A 266 21.45 -10.59 5.94
N PRO A 267 22.65 -10.75 6.53
CA PRO A 267 23.85 -11.29 5.87
C PRO A 267 23.54 -12.66 5.25
N LYS A 268 22.93 -13.53 6.06
CA LYS A 268 22.50 -14.86 5.64
C LYS A 268 21.20 -15.21 6.38
N PRO A 269 20.37 -16.08 5.79
CA PRO A 269 19.10 -16.52 6.35
C PRO A 269 19.13 -16.89 7.85
N LEU A 270 18.06 -16.54 8.59
CA LEU A 270 17.97 -16.87 10.00
C LEU A 270 17.12 -18.12 10.21
N THR A 271 17.49 -18.92 11.20
CA THR A 271 16.74 -20.13 11.53
C THR A 271 16.44 -19.97 13.02
N LEU A 272 15.16 -19.99 13.36
CA LEU A 272 14.75 -19.85 14.75
C LEU A 272 13.97 -21.06 15.21
N ARG A 273 14.16 -21.37 16.48
CA ARG A 273 13.50 -22.47 17.16
C ARG A 273 13.04 -21.85 18.46
N TRP A 274 12.07 -22.46 19.13
CA TRP A 274 11.57 -21.90 20.38
C TRP A 274 12.43 -22.35 21.56
N GLU A 275 13.08 -21.39 22.21
CA GLU A 275 13.92 -21.65 23.38
C GLU A 275 13.09 -21.40 24.65
N PRO A 276 12.75 -22.48 25.39
CA PRO A 276 11.97 -22.40 26.63
C PRO A 276 12.82 -21.89 27.82
N ILE B 1 -16.69 -3.34 -9.07
CA ILE B 1 -16.60 -4.48 -8.10
C ILE B 1 -16.65 -3.97 -6.66
N GLN B 2 -16.77 -4.90 -5.71
CA GLN B 2 -16.81 -4.56 -4.29
C GLN B 2 -15.99 -5.60 -3.54
N ARG B 3 -15.03 -5.13 -2.76
CA ARG B 3 -14.17 -6.00 -1.99
C ARG B 3 -14.18 -5.60 -0.53
N THR B 4 -14.38 -6.60 0.33
CA THR B 4 -14.44 -6.37 1.77
C THR B 4 -13.11 -6.13 2.42
N PRO B 5 -13.05 -5.13 3.32
CA PRO B 5 -11.79 -4.84 4.01
C PRO B 5 -11.25 -5.97 4.89
N LYS B 6 -9.92 -6.06 4.92
CA LYS B 6 -9.24 -7.01 5.77
C LYS B 6 -8.75 -6.07 6.89
N ILE B 7 -8.84 -6.53 8.14
CA ILE B 7 -8.49 -5.66 9.26
C ILE B 7 -7.43 -6.24 10.19
N GLN B 8 -6.47 -5.41 10.58
CA GLN B 8 -5.43 -5.83 11.50
C GLN B 8 -5.23 -4.76 12.56
N VAL B 9 -5.28 -5.12 13.84
CA VAL B 9 -5.08 -4.16 14.93
C VAL B 9 -3.85 -4.69 15.64
N TYR B 10 -2.88 -3.81 15.90
CA TYR B 10 -1.62 -4.20 16.53
C TYR B 10 -0.93 -2.90 16.94
N SER B 11 0.17 -3.02 17.68
CA SER B 11 0.93 -1.87 18.15
C SER B 11 2.25 -1.76 17.41
N ARG B 12 2.77 -0.53 17.32
CA ARG B 12 4.03 -0.27 16.65
C ARG B 12 5.14 -1.11 17.25
N HIS B 13 5.24 -1.10 18.57
CA HIS B 13 6.26 -1.86 19.28
C HIS B 13 5.60 -2.93 20.16
N PRO B 14 6.36 -3.96 20.60
CA PRO B 14 5.75 -5.00 21.46
C PRO B 14 5.18 -4.34 22.71
N ALA B 15 4.01 -4.80 23.16
CA ALA B 15 3.34 -4.20 24.31
C ALA B 15 3.96 -4.40 25.69
N GLU B 16 4.18 -3.28 26.39
CA GLU B 16 4.72 -3.26 27.75
C GLU B 16 3.79 -2.33 28.56
N ASN B 17 3.03 -2.90 29.50
CA ASN B 17 2.09 -2.13 30.34
C ASN B 17 2.70 -0.87 30.96
N GLY B 18 2.02 0.25 30.77
CA GLY B 18 2.49 1.51 31.31
C GLY B 18 3.43 2.29 30.41
N LYS B 19 3.90 1.69 29.33
CA LYS B 19 4.82 2.34 28.40
C LYS B 19 4.17 2.78 27.08
N SER B 20 4.49 4.00 26.65
CA SER B 20 3.97 4.57 25.41
C SER B 20 4.23 3.71 24.16
N ASN B 21 3.33 3.85 23.20
CA ASN B 21 3.38 3.06 22.00
C ASN B 21 2.41 3.70 21.02
N PHE B 22 2.01 2.96 19.98
CA PHE B 22 1.07 3.45 18.97
C PHE B 22 0.12 2.32 18.60
N LEU B 23 -1.19 2.59 18.66
CA LEU B 23 -2.19 1.59 18.33
C LEU B 23 -2.44 1.75 16.83
N ASN B 24 -2.23 0.68 16.06
CA ASN B 24 -2.42 0.75 14.62
C ASN B 24 -3.65 -0.03 14.18
N CYS B 25 -4.36 0.49 13.19
CA CYS B 25 -5.48 -0.24 12.60
C CYS B 25 -5.24 -0.16 11.09
N TYR B 26 -4.86 -1.28 10.48
CA TYR B 26 -4.56 -1.35 9.06
C TYR B 26 -5.69 -2.03 8.33
N VAL B 27 -6.30 -1.31 7.38
CA VAL B 27 -7.40 -1.85 6.60
C VAL B 27 -6.92 -1.92 5.16
N SER B 28 -7.08 -3.07 4.52
CA SER B 28 -6.61 -3.25 3.16
C SER B 28 -7.53 -4.17 2.35
N GLY B 29 -7.30 -4.23 1.03
CA GLY B 29 -8.05 -5.11 0.17
C GLY B 29 -9.49 -4.70 -0.10
N PHE B 30 -9.78 -3.42 0.06
CA PHE B 30 -11.14 -2.98 -0.14
C PHE B 30 -11.35 -2.13 -1.37
N HIS B 31 -12.61 -2.09 -1.81
CA HIS B 31 -13.02 -1.32 -2.97
C HIS B 31 -14.56 -1.27 -2.86
N PRO B 32 -15.18 -0.09 -3.03
CA PRO B 32 -14.62 1.22 -3.31
C PRO B 32 -13.90 1.87 -2.11
N SER B 33 -13.42 3.09 -2.31
CA SER B 33 -12.63 3.79 -1.33
C SER B 33 -13.23 4.34 -0.06
N ASP B 34 -14.52 4.63 -0.03
CA ASP B 34 -15.10 5.19 1.19
C ASP B 34 -15.10 4.16 2.29
N ILE B 35 -14.65 4.55 3.46
CA ILE B 35 -14.60 3.64 4.60
C ILE B 35 -14.59 4.44 5.90
N GLU B 36 -15.22 3.90 6.94
CA GLU B 36 -15.20 4.58 8.22
C GLU B 36 -14.44 3.73 9.21
N VAL B 37 -13.38 4.30 9.77
CA VAL B 37 -12.58 3.58 10.75
C VAL B 37 -12.50 4.36 12.09
N ASP B 38 -12.75 3.65 13.18
CA ASP B 38 -12.66 4.26 14.51
C ASP B 38 -11.78 3.41 15.44
N LEU B 39 -10.98 4.08 16.25
CA LEU B 39 -10.18 3.39 17.22
C LEU B 39 -10.97 3.54 18.53
N LEU B 40 -11.15 2.45 19.27
CA LEU B 40 -11.91 2.47 20.52
C LEU B 40 -11.09 2.10 21.76
N LYS B 41 -11.38 2.80 22.86
CA LYS B 41 -10.74 2.56 24.16
C LYS B 41 -11.89 2.33 25.13
N ASN B 42 -12.15 1.06 25.44
CA ASN B 42 -13.23 0.69 26.36
C ASN B 42 -14.60 1.04 25.78
N GLY B 43 -14.74 0.88 24.46
CA GLY B 43 -16.00 1.17 23.79
C GLY B 43 -16.24 2.61 23.33
N GLU B 44 -15.38 3.54 23.71
CA GLU B 44 -15.57 4.92 23.30
C GLU B 44 -14.55 5.38 22.26
N ARG B 45 -15.01 6.19 21.32
CA ARG B 45 -14.20 6.72 20.22
C ARG B 45 -13.02 7.57 20.70
N ILE B 46 -11.83 7.26 20.20
CA ILE B 46 -10.64 8.00 20.54
C ILE B 46 -10.62 9.24 19.63
N GLU B 47 -10.40 10.40 20.24
CA GLU B 47 -10.40 11.66 19.52
C GLU B 47 -9.26 11.92 18.53
N LYS B 48 -8.00 11.78 18.95
CA LYS B 48 -6.88 12.06 18.04
C LYS B 48 -6.26 10.86 17.31
N VAL B 49 -6.85 10.57 16.16
CA VAL B 49 -6.44 9.49 15.30
C VAL B 49 -6.00 10.12 13.99
N GLU B 50 -4.92 9.60 13.44
CA GLU B 50 -4.37 10.08 12.19
C GLU B 50 -4.43 8.91 11.22
N HIS B 51 -4.30 9.20 9.93
CA HIS B 51 -4.29 8.14 8.94
C HIS B 51 -3.41 8.49 7.77
N SER B 52 -2.94 7.48 7.08
CA SER B 52 -2.08 7.62 5.90
C SER B 52 -2.88 8.15 4.71
N ASP B 53 -2.20 8.49 3.62
CA ASP B 53 -2.87 8.99 2.43
C ASP B 53 -3.34 7.78 1.64
N LEU B 54 -4.50 7.91 1.02
CA LEU B 54 -5.09 6.81 0.28
C LEU B 54 -4.19 6.29 -0.84
N SER B 55 -3.96 4.98 -0.87
CA SER B 55 -3.15 4.37 -1.93
C SER B 55 -3.75 3.00 -2.24
N PHE B 56 -3.18 2.30 -3.22
CA PHE B 56 -3.73 1.01 -3.62
C PHE B 56 -2.66 0.01 -4.09
N SER B 57 -2.99 -1.28 -3.96
CA SER B 57 -2.11 -2.40 -4.34
C SER B 57 -2.17 -2.67 -5.84
N LYS B 58 -1.41 -3.65 -6.32
CA LYS B 58 -1.41 -3.94 -7.76
C LYS B 58 -2.71 -4.55 -8.27
N ASP B 59 -3.54 -5.05 -7.36
CA ASP B 59 -4.85 -5.62 -7.73
C ASP B 59 -5.96 -4.54 -7.62
N TRP B 60 -5.55 -3.29 -7.47
CA TRP B 60 -6.44 -2.12 -7.37
C TRP B 60 -7.14 -1.89 -6.05
N SER B 61 -7.01 -2.80 -5.11
CA SER B 61 -7.67 -2.57 -3.83
C SER B 61 -6.89 -1.58 -2.96
N PHE B 62 -7.63 -0.76 -2.22
CA PHE B 62 -7.09 0.28 -1.35
C PHE B 62 -6.64 -0.21 0.02
N TYR B 63 -5.85 0.64 0.67
CA TYR B 63 -5.37 0.33 2.00
C TYR B 63 -5.08 1.64 2.71
N LEU B 64 -5.31 1.62 4.02
CA LEU B 64 -5.11 2.79 4.84
C LEU B 64 -4.65 2.33 6.22
N LEU B 65 -3.85 3.19 6.86
CA LEU B 65 -3.35 2.95 8.20
C LEU B 65 -3.96 4.05 9.07
N TYR B 66 -4.61 3.67 10.16
CA TYR B 66 -5.17 4.62 11.12
C TYR B 66 -4.36 4.31 12.37
N TYR B 67 -3.89 5.34 13.04
CA TYR B 67 -3.08 5.13 14.24
C TYR B 67 -3.26 6.25 15.25
N THR B 68 -2.97 5.93 16.50
CA THR B 68 -3.05 6.91 17.56
C THR B 68 -2.04 6.55 18.62
N GLU B 69 -1.54 7.55 19.33
CA GLU B 69 -0.58 7.29 20.40
C GLU B 69 -1.37 6.71 21.60
N PHE B 70 -0.78 5.73 22.29
CA PHE B 70 -1.44 5.13 23.45
C PHE B 70 -0.46 4.50 24.45
N THR B 71 -0.96 4.24 25.66
CA THR B 71 -0.19 3.64 26.74
C THR B 71 -1.00 2.43 27.23
N PRO B 72 -0.58 1.22 26.84
CA PRO B 72 -1.31 0.02 27.27
C PRO B 72 -1.25 -0.20 28.78
N THR B 73 -2.25 -0.91 29.32
CA THR B 73 -2.35 -1.27 30.75
C THR B 73 -3.14 -2.60 30.72
N GLU B 74 -3.27 -3.31 31.84
CA GLU B 74 -3.99 -4.57 31.78
C GLU B 74 -5.51 -4.45 31.90
N LYS B 75 -5.98 -3.32 32.43
CA LYS B 75 -7.42 -3.10 32.60
C LYS B 75 -8.07 -2.63 31.28
N ASP B 76 -7.50 -1.60 30.66
CA ASP B 76 -8.00 -1.01 29.41
C ASP B 76 -8.08 -1.98 28.22
N GLU B 77 -9.12 -1.80 27.40
CA GLU B 77 -9.36 -2.64 26.23
C GLU B 77 -9.41 -1.73 24.97
N TYR B 78 -8.80 -2.18 23.87
CA TYR B 78 -8.78 -1.39 22.64
C TYR B 78 -9.33 -2.17 21.46
N ALA B 79 -9.90 -1.48 20.48
CA ALA B 79 -10.48 -2.13 19.30
C ALA B 79 -10.58 -1.20 18.12
N CYS B 80 -10.77 -1.77 16.94
CA CYS B 80 -10.91 -0.98 15.75
C CYS B 80 -12.28 -1.28 15.15
N ARG B 81 -13.04 -0.24 14.84
CA ARG B 81 -14.38 -0.41 14.25
C ARG B 81 -14.36 0.14 12.83
N VAL B 82 -14.72 -0.74 11.89
CA VAL B 82 -14.72 -0.40 10.48
C VAL B 82 -16.08 -0.54 9.85
N ASN B 83 -16.44 0.42 9.01
CA ASN B 83 -17.70 0.33 8.32
C ASN B 83 -17.41 0.61 6.85
N HIS B 84 -17.98 -0.22 6.00
CA HIS B 84 -17.80 -0.14 4.55
C HIS B 84 -19.10 -0.63 3.93
N VAL B 85 -19.40 -0.13 2.72
CA VAL B 85 -20.60 -0.54 1.97
C VAL B 85 -20.78 -2.06 1.78
N THR B 86 -19.72 -2.86 1.89
CA THR B 86 -19.81 -4.32 1.73
C THR B 86 -20.17 -5.02 3.04
N LEU B 87 -20.24 -4.25 4.11
CA LEU B 87 -20.54 -4.79 5.44
C LEU B 87 -21.96 -4.46 5.87
N SER B 88 -22.74 -5.51 6.19
CA SER B 88 -24.13 -5.36 6.64
C SER B 88 -24.20 -4.64 7.96
N GLN B 89 -23.12 -4.72 8.74
CA GLN B 89 -23.01 -4.07 10.02
C GLN B 89 -21.53 -3.87 10.34
N PRO B 90 -21.16 -2.75 10.99
CA PRO B 90 -19.78 -2.44 11.35
C PRO B 90 -19.03 -3.63 11.96
N LYS B 91 -17.80 -3.87 11.50
CA LYS B 91 -17.00 -4.97 12.03
C LYS B 91 -16.03 -4.45 13.09
N ILE B 92 -16.01 -5.11 14.24
CA ILE B 92 -15.13 -4.69 15.32
C ILE B 92 -14.12 -5.81 15.58
N VAL B 93 -12.86 -5.40 15.71
CA VAL B 93 -11.74 -6.30 15.96
C VAL B 93 -11.04 -5.78 17.20
N LYS B 94 -10.98 -6.60 18.24
CA LYS B 94 -10.32 -6.20 19.47
C LYS B 94 -8.80 -6.37 19.36
N TRP B 95 -8.06 -5.56 20.11
CA TRP B 95 -6.61 -5.66 20.10
C TRP B 95 -6.11 -6.76 21.05
N ASP B 96 -5.33 -7.68 20.51
CA ASP B 96 -4.75 -8.78 21.28
C ASP B 96 -3.26 -8.55 21.12
N ARG B 97 -2.56 -8.34 22.23
CA ARG B 97 -1.13 -8.07 22.18
C ARG B 97 -0.23 -9.18 21.60
N ASP B 98 -0.81 -10.36 21.37
CA ASP B 98 -0.07 -11.50 20.82
C ASP B 98 -0.26 -11.68 19.31
N MET B 99 -0.78 -10.67 18.63
CA MET B 99 -1.01 -10.74 17.19
C MET B 99 -0.77 -9.41 16.52
N LYS C 1 9.43 12.89 -10.24
CA LYS C 1 8.61 13.91 -10.95
C LYS C 1 7.59 13.17 -11.81
N PRO C 2 6.30 13.52 -11.71
CA PRO C 2 5.28 12.85 -12.52
C PRO C 2 5.39 13.20 -14.01
N ILE C 3 4.66 12.47 -14.85
CA ILE C 3 4.72 12.69 -16.29
C ILE C 3 3.82 13.82 -16.75
N VAL C 4 4.31 14.62 -17.70
CA VAL C 4 3.53 15.73 -18.27
C VAL C 4 2.87 15.17 -19.53
N GLN C 5 1.74 14.51 -19.35
CA GLN C 5 0.99 13.89 -20.44
C GLN C 5 -0.42 13.78 -19.90
N TYR C 6 -1.39 14.26 -20.66
CA TYR C 6 -2.78 14.22 -20.23
C TYR C 6 -3.60 13.79 -21.42
N ASP C 7 -4.10 12.56 -21.42
CA ASP C 7 -4.91 12.11 -22.54
C ASP C 7 -6.24 11.58 -22.05
N ASN C 8 -7.28 11.85 -22.83
CA ASN C 8 -8.61 11.39 -22.44
C ASN C 8 -8.89 9.99 -22.86
N PHE C 9 -9.82 9.37 -22.15
CA PHE C 9 -10.28 8.04 -22.43
C PHE C 9 -10.98 8.11 -23.78
#